data_4NJO
#
_entry.id   4NJO
#
_cell.length_a   49.378
_cell.length_b   56.857
_cell.length_c   57.259
_cell.angle_alpha   66.71
_cell.angle_beta   66.22
_cell.angle_gamma   77.36
#
_symmetry.space_group_name_H-M   'P 1'
#
loop_
_entity.id
_entity.type
_entity.pdbx_description
1 polymer 'D-3-phosphoglycerate dehydrogenase, putative'
2 non-polymer NICOTINAMIDE-ADENINE-DINUCLEOTIDE
3 non-polymer 'FORMIC ACID'
4 non-polymer 2-AMINO-2-HYDROXYMETHYL-PROPANE-1,3-DIOL
5 non-polymer GLYCEROL
6 water water
#
_entity_poly.entity_id   1
_entity_poly.type   'polypeptide(L)'
_entity_poly.pdbx_seq_one_letter_code
;ASMKIVVITEKPFAENAVKGIREILEKAGHEVVMIEKYKKKEDVIERIKDADGVIVRSDKIDEEIIKAGEKVKIIVRAGA
GYDNIDIEACNQGKIVVMNTPGQNRNGVAELCIGMMIFGFRKGFKEGKGRELKDKTLGICGCGYVGKRVKEIAEGIGMKI
KVYDPFITTENQVKKIEELFEECQVISLHLPLTKETKGKIGYELIKKLPYGGMICNTARKEIIDEEGLIRIMREREDLIY
ITDVAPTSKVFNNEFKGRFFATPIKIGAETEESNINAGMAAASQICDFFTNGTVKFQVNKFLEHHHHHH
;
_entity_poly.pdbx_strand_id   A,B
#
loop_
_chem_comp.id
_chem_comp.type
_chem_comp.name
_chem_comp.formula
FMT non-polymer 'FORMIC ACID' 'C H2 O2'
GOL non-polymer GLYCEROL 'C3 H8 O3'
NAD non-polymer NICOTINAMIDE-ADENINE-DINUCLEOTIDE 'C21 H27 N7 O14 P2'
TRS non-polymer 2-AMINO-2-HYDROXYMETHYL-PROPANE-1,3-DIOL 'C4 H12 N O3 1'
#
# COMPACT_ATOMS: atom_id res chain seq x y z
N ALA A 1 -23.26 -24.19 34.41
CA ALA A 1 -22.90 -23.08 35.33
C ALA A 1 -22.65 -21.78 34.56
N SER A 2 -23.25 -20.69 35.04
CA SER A 2 -23.11 -19.39 34.39
C SER A 2 -21.81 -18.70 34.81
N MET A 3 -20.91 -18.52 33.85
CA MET A 3 -19.61 -17.91 34.09
C MET A 3 -19.61 -16.42 33.75
N LYS A 4 -18.82 -15.65 34.50
CA LYS A 4 -18.66 -14.24 34.23
C LYS A 4 -17.41 -14.01 33.39
N ILE A 5 -17.60 -13.58 32.14
CA ILE A 5 -16.50 -13.28 31.24
C ILE A 5 -16.34 -11.76 31.07
N VAL A 6 -15.19 -11.24 31.45
CA VAL A 6 -14.89 -9.82 31.25
C VAL A 6 -14.00 -9.60 30.03
N VAL A 7 -14.36 -8.62 29.22
CA VAL A 7 -13.60 -8.28 28.02
C VAL A 7 -12.84 -6.98 28.23
N ILE A 8 -11.53 -7.09 28.39
CA ILE A 8 -10.66 -5.96 28.70
C ILE A 8 -9.98 -5.41 27.44
N THR A 9 -10.54 -4.33 26.91
CA THR A 9 -10.04 -3.70 25.68
C THR A 9 -9.99 -2.18 25.80
N GLU A 10 -8.81 -1.63 26.08
CA GLU A 10 -8.63 -0.18 26.13
C GLU A 10 -8.91 0.50 24.79
N LYS A 11 -8.52 -0.15 23.69
CA LYS A 11 -9.08 0.18 22.38
C LYS A 11 -10.05 -0.92 21.94
N PRO A 12 -11.35 -0.59 21.91
CA PRO A 12 -12.43 -1.59 21.79
C PRO A 12 -12.46 -2.32 20.46
N PHE A 13 -13.04 -3.52 20.47
CA PHE A 13 -13.39 -4.24 19.25
C PHE A 13 -14.41 -3.44 18.43
N ALA A 14 -14.52 -3.79 17.15
CA ALA A 14 -15.64 -3.31 16.34
C ALA A 14 -16.94 -3.86 16.93
N GLU A 15 -18.03 -3.10 16.77
CA GLU A 15 -19.32 -3.48 17.35
C GLU A 15 -19.75 -4.89 16.95
N ASN A 16 -19.61 -5.22 15.66
CA ASN A 16 -19.95 -6.56 15.16
C ASN A 16 -19.17 -7.69 15.83
N ALA A 17 -17.94 -7.41 16.24
CA ALA A 17 -17.12 -8.37 16.98
C ALA A 17 -17.64 -8.56 18.40
N VAL A 18 -18.03 -7.47 19.05
CA VAL A 18 -18.68 -7.50 20.37
C VAL A 18 -19.99 -8.30 20.31
N LYS A 19 -20.77 -8.07 19.24
CA LYS A 19 -22.01 -8.80 18.98
C LYS A 19 -21.76 -10.31 18.82
N GLY A 20 -20.73 -10.66 18.06
CA GLY A 20 -20.34 -12.04 17.85
C GLY A 20 -19.84 -12.73 19.11
N ILE A 21 -19.19 -11.96 19.97
CA ILE A 21 -18.73 -12.45 21.28
C ILE A 21 -19.93 -12.79 22.17
N ARG A 22 -20.91 -11.90 22.20
CA ARG A 22 -22.13 -12.09 22.99
C ARG A 22 -23.00 -13.24 22.48
N GLU A 23 -23.08 -13.38 21.16
CA GLU A 23 -23.84 -14.48 20.54
C GLU A 23 -23.35 -15.85 20.98
N ILE A 24 -22.02 -16.01 21.03
CA ILE A 24 -21.42 -17.29 21.43
C ILE A 24 -21.56 -17.54 22.94
N LEU A 25 -21.36 -16.49 23.73
CA LEU A 25 -21.30 -16.61 25.19
C LEU A 25 -22.65 -16.62 25.91
N GLU A 26 -23.59 -15.80 25.44
CA GLU A 26 -24.92 -15.72 26.06
C GLU A 26 -25.81 -16.90 25.71
N LYS A 27 -25.61 -17.47 24.53
CA LYS A 27 -26.31 -18.70 24.12
C LYS A 27 -25.95 -19.86 25.04
N ALA A 28 -24.67 -19.93 25.42
CA ALA A 28 -24.16 -20.94 26.34
C ALA A 28 -24.55 -20.64 27.80
N GLY A 29 -25.12 -19.46 28.03
CA GLY A 29 -25.63 -19.07 29.34
C GLY A 29 -24.68 -18.28 30.22
N HIS A 30 -23.61 -17.76 29.62
CA HIS A 30 -22.61 -17.01 30.37
C HIS A 30 -22.89 -15.51 30.39
N GLU A 31 -22.15 -14.80 31.24
CA GLU A 31 -22.27 -13.36 31.37
C GLU A 31 -21.09 -12.66 30.70
N VAL A 32 -21.38 -11.61 29.94
CA VAL A 32 -20.35 -10.81 29.27
C VAL A 32 -20.31 -9.40 29.85
N VAL A 33 -19.16 -9.02 30.42
CA VAL A 33 -18.97 -7.69 30.99
C VAL A 33 -17.86 -6.94 30.25
N MET A 34 -18.22 -5.83 29.62
CA MET A 34 -17.28 -5.03 28.85
C MET A 34 -16.52 -4.05 29.72
N ILE A 35 -15.20 -4.03 29.59
CA ILE A 35 -14.35 -3.03 30.22
C ILE A 35 -13.61 -2.27 29.10
N GLU A 36 -14.30 -1.28 28.53
CA GLU A 36 -13.81 -0.56 27.36
C GLU A 36 -13.33 0.85 27.68
N LYS A 37 -12.24 1.25 27.02
CA LYS A 37 -11.68 2.61 27.11
C LYS A 37 -11.36 3.09 28.53
N TYR A 38 -10.71 2.23 29.31
CA TYR A 38 -10.18 2.61 30.62
C TYR A 38 -8.82 3.30 30.42
N LYS A 39 -8.30 3.93 31.47
CA LYS A 39 -7.09 4.76 31.34
C LYS A 39 -5.82 4.18 31.94
N LYS A 40 -5.94 3.57 33.11
CA LYS A 40 -4.78 2.94 33.78
C LYS A 40 -5.12 1.53 34.26
N LYS A 41 -4.09 0.71 34.47
CA LYS A 41 -4.26 -0.65 34.96
C LYS A 41 -4.73 -0.70 36.42
N GLU A 42 -5.81 0.03 36.69
CA GLU A 42 -6.36 0.19 38.03
C GLU A 42 -7.88 0.16 37.98
N ASP A 43 -8.43 0.52 36.83
CA ASP A 43 -9.86 0.41 36.56
C ASP A 43 -10.27 -1.06 36.46
N VAL A 44 -9.33 -1.88 35.98
CA VAL A 44 -9.54 -3.31 35.74
C VAL A 44 -9.64 -4.11 37.05
N ILE A 45 -8.83 -3.74 38.03
CA ILE A 45 -8.66 -4.49 39.29
C ILE A 45 -9.96 -4.90 39.99
N GLU A 46 -10.84 -3.93 40.25
CA GLU A 46 -12.07 -4.22 41.00
C GLU A 46 -13.09 -5.02 40.19
N ARG A 47 -13.12 -4.77 38.88
CA ARG A 47 -14.10 -5.38 37.99
C ARG A 47 -13.73 -6.82 37.62
N ILE A 48 -12.46 -7.17 37.82
CA ILE A 48 -11.96 -8.51 37.52
C ILE A 48 -12.02 -9.43 38.75
N LYS A 49 -12.34 -8.84 39.91
CA LYS A 49 -12.36 -9.57 41.19
C LYS A 49 -13.34 -10.75 41.25
N ASP A 50 -14.45 -10.64 40.51
CA ASP A 50 -15.41 -11.73 40.41
C ASP A 50 -15.54 -12.28 38.98
N ALA A 51 -14.48 -12.11 38.19
CA ALA A 51 -14.41 -12.65 36.84
C ALA A 51 -14.01 -14.12 36.83
N ASP A 52 -14.64 -14.91 35.98
CA ASP A 52 -14.31 -16.33 35.81
C ASP A 52 -13.41 -16.55 34.61
N GLY A 53 -13.67 -15.78 33.54
CA GLY A 53 -12.86 -15.80 32.33
C GLY A 53 -12.60 -14.39 31.83
N VAL A 54 -11.52 -14.23 31.05
CA VAL A 54 -11.11 -12.92 30.55
C VAL A 54 -10.79 -12.99 29.05
N ILE A 55 -11.33 -12.03 28.30
CA ILE A 55 -10.88 -11.78 26.92
C ILE A 55 -10.08 -10.48 26.93
N VAL A 56 -8.92 -10.50 26.26
CA VAL A 56 -8.03 -9.35 26.24
C VAL A 56 -7.38 -9.13 24.86
N ARG A 57 -7.07 -7.87 24.55
CA ARG A 57 -6.26 -7.55 23.37
C ARG A 57 -4.79 -7.32 23.76
N SER A 58 -4.24 -6.17 23.38
CA SER A 58 -2.84 -5.85 23.70
C SER A 58 -2.67 -5.29 25.12
N ASP A 59 -3.76 -5.22 25.86
CA ASP A 59 -3.78 -4.63 27.21
C ASP A 59 -2.79 -5.28 28.17
N LYS A 60 -2.11 -4.44 28.95
CA LYS A 60 -1.12 -4.90 29.94
C LYS A 60 -1.81 -5.63 31.10
N ILE A 61 -1.44 -6.90 31.27
CA ILE A 61 -2.00 -7.74 32.33
C ILE A 61 -0.87 -8.15 33.28
N ASP A 62 -0.68 -7.40 34.35
CA ASP A 62 0.42 -7.61 35.29
C ASP A 62 0.04 -8.46 36.51
N GLU A 63 1.01 -8.68 37.39
CA GLU A 63 0.82 -9.49 38.60
C GLU A 63 -0.30 -8.98 39.51
N GLU A 64 -0.43 -7.65 39.60
CA GLU A 64 -1.45 -7.01 40.44
C GLU A 64 -2.87 -7.31 39.95
N ILE A 65 -3.06 -7.29 38.63
CA ILE A 65 -4.36 -7.62 38.03
C ILE A 65 -4.68 -9.11 38.17
N ILE A 66 -3.65 -9.94 38.07
CA ILE A 66 -3.80 -11.40 38.19
C ILE A 66 -4.17 -11.82 39.62
N LYS A 67 -3.47 -11.27 40.60
CA LYS A 67 -3.72 -11.55 42.02
C LYS A 67 -5.12 -11.10 42.47
N ALA A 68 -5.62 -10.04 41.86
CA ALA A 68 -6.96 -9.52 42.14
C ALA A 68 -8.06 -10.41 41.54
N GLY A 69 -7.73 -11.09 40.45
CA GLY A 69 -8.65 -12.03 39.81
C GLY A 69 -8.53 -13.42 40.38
N GLU A 70 -8.92 -13.56 41.65
CA GLU A 70 -8.72 -14.81 42.40
C GLU A 70 -9.58 -16.00 41.95
N LYS A 71 -10.61 -15.74 41.16
CA LYS A 71 -11.44 -16.82 40.59
C LYS A 71 -11.38 -16.88 39.06
N VAL A 72 -10.43 -16.15 38.47
CA VAL A 72 -10.16 -16.22 37.04
C VAL A 72 -9.50 -17.55 36.71
N LYS A 73 -10.11 -18.30 35.79
CA LYS A 73 -9.62 -19.62 35.41
C LYS A 73 -8.91 -19.58 34.06
N ILE A 74 -9.28 -18.61 33.23
CA ILE A 74 -8.76 -18.51 31.88
C ILE A 74 -8.68 -17.07 31.36
N ILE A 75 -7.56 -16.77 30.69
CA ILE A 75 -7.41 -15.53 29.95
C ILE A 75 -7.12 -15.86 28.48
N VAL A 76 -7.94 -15.33 27.58
CA VAL A 76 -7.69 -15.51 26.14
C VAL A 76 -7.33 -14.18 25.49
N ARG A 77 -6.14 -14.14 24.90
CA ARG A 77 -5.73 -13.00 24.10
C ARG A 77 -6.31 -13.16 22.70
N ALA A 78 -7.19 -12.24 22.32
CA ALA A 78 -7.73 -12.22 20.96
C ALA A 78 -6.67 -11.63 20.05
N GLY A 79 -5.89 -12.52 19.42
CA GLY A 79 -4.76 -12.12 18.60
C GLY A 79 -3.61 -13.11 18.71
N ALA A 80 -2.42 -12.63 18.36
CA ALA A 80 -1.25 -13.51 18.21
C ALA A 80 -0.28 -13.44 19.40
N GLY A 81 0.25 -12.24 19.65
CA GLY A 81 1.27 -12.06 20.69
C GLY A 81 0.69 -12.00 22.08
N TYR A 82 1.42 -12.56 23.04
CA TYR A 82 0.97 -12.56 24.44
C TYR A 82 2.04 -12.03 25.40
N ASP A 83 2.94 -11.20 24.89
CA ASP A 83 3.96 -10.53 25.70
C ASP A 83 3.36 -9.53 26.69
N ASN A 84 2.10 -9.13 26.46
CA ASN A 84 1.38 -8.24 27.36
C ASN A 84 0.89 -8.90 28.66
N ILE A 85 0.96 -10.23 28.72
CA ILE A 85 0.47 -11.00 29.86
C ILE A 85 1.64 -11.59 30.64
N ASP A 86 1.62 -11.40 31.96
CA ASP A 86 2.62 -12.00 32.85
C ASP A 86 2.30 -13.48 33.03
N ILE A 87 2.96 -14.32 32.23
CA ILE A 87 2.74 -15.77 32.23
C ILE A 87 3.12 -16.40 33.57
N GLU A 88 4.27 -15.99 34.11
CA GLU A 88 4.79 -16.47 35.39
C GLU A 88 3.72 -16.38 36.49
N ALA A 89 3.14 -15.19 36.64
CA ALA A 89 2.10 -14.94 37.64
C ALA A 89 0.78 -15.68 37.33
N CYS A 90 0.51 -15.91 36.05
CA CYS A 90 -0.66 -16.68 35.62
C CYS A 90 -0.54 -18.13 36.05
N ASN A 91 0.67 -18.69 35.94
CA ASN A 91 0.97 -20.04 36.40
C ASN A 91 0.73 -20.21 37.90
N GLN A 92 1.11 -19.19 38.67
CA GLN A 92 0.92 -19.17 40.12
C GLN A 92 -0.57 -19.07 40.48
N GLY A 93 -1.31 -18.25 39.72
CA GLY A 93 -2.75 -18.11 39.92
C GLY A 93 -3.57 -19.26 39.36
N LYS A 94 -2.87 -20.25 38.80
CA LYS A 94 -3.48 -21.41 38.13
C LYS A 94 -4.46 -21.00 37.03
N ILE A 95 -4.02 -20.07 36.19
CA ILE A 95 -4.83 -19.53 35.10
C ILE A 95 -4.31 -20.04 33.76
N VAL A 96 -5.21 -20.61 32.95
CA VAL A 96 -4.90 -21.02 31.59
C VAL A 96 -4.81 -19.79 30.69
N VAL A 97 -3.73 -19.69 29.92
CA VAL A 97 -3.54 -18.57 29.00
C VAL A 97 -3.56 -19.05 27.55
N MET A 98 -4.43 -18.45 26.75
CA MET A 98 -4.57 -18.76 25.33
C MET A 98 -4.40 -17.52 24.47
N ASN A 99 -3.98 -17.74 23.21
CA ASN A 99 -4.12 -16.74 22.17
C ASN A 99 -5.02 -17.29 21.06
N THR A 100 -5.21 -16.52 19.98
CA THR A 100 -6.02 -16.96 18.86
C THR A 100 -5.20 -16.89 17.56
N PRO A 101 -4.39 -17.94 17.30
CA PRO A 101 -3.41 -17.91 16.21
C PRO A 101 -4.02 -17.65 14.84
N GLY A 102 -3.40 -16.75 14.08
CA GLY A 102 -3.76 -16.50 12.68
C GLY A 102 -5.03 -15.72 12.41
N GLN A 103 -5.82 -15.46 13.44
CA GLN A 103 -7.14 -14.83 13.29
C GLN A 103 -7.09 -13.43 12.70
N ASN A 104 -6.10 -12.63 13.11
CA ASN A 104 -5.97 -11.27 12.59
C ASN A 104 -4.84 -11.12 11.56
N ARG A 105 -4.45 -12.23 10.95
CA ARG A 105 -3.28 -12.27 10.06
C ARG A 105 -3.38 -11.33 8.86
N ASN A 106 -4.57 -11.24 8.27
CA ASN A 106 -4.74 -10.47 7.04
C ASN A 106 -4.72 -8.97 7.27
N GLY A 107 -5.29 -8.52 8.39
CA GLY A 107 -5.26 -7.11 8.77
C GLY A 107 -3.84 -6.61 8.80
N VAL A 108 -2.95 -7.39 9.42
CA VAL A 108 -1.54 -7.03 9.57
C VAL A 108 -0.80 -7.15 8.25
N ALA A 109 -1.02 -8.25 7.52
CA ALA A 109 -0.35 -8.50 6.25
C ALA A 109 -0.64 -7.44 5.19
N GLU A 110 -1.92 -7.07 5.06
CA GLU A 110 -2.33 -6.01 4.15
C GLU A 110 -1.69 -4.68 4.53
N LEU A 111 -1.71 -4.35 5.82
CA LEU A 111 -1.06 -3.12 6.30
C LEU A 111 0.43 -3.12 6.00
N CYS A 112 1.06 -4.27 6.19
CA CYS A 112 2.49 -4.44 5.93
C CYS A 112 2.82 -4.16 4.47
N ILE A 113 2.07 -4.78 3.56
CA ILE A 113 2.22 -4.54 2.11
C ILE A 113 1.99 -3.07 1.76
N GLY A 114 0.95 -2.47 2.34
CA GLY A 114 0.64 -1.05 2.14
C GLY A 114 1.76 -0.14 2.62
N MET A 115 2.32 -0.48 3.78
CA MET A 115 3.44 0.26 4.37
C MET A 115 4.72 0.16 3.54
N MET A 116 4.93 -1.00 2.92
CA MET A 116 6.09 -1.21 2.05
C MET A 116 6.02 -0.31 0.82
N ILE A 117 4.85 -0.27 0.18
CA ILE A 117 4.63 0.61 -0.98
C ILE A 117 4.78 2.07 -0.54
N PHE A 118 4.04 2.44 0.51
CA PHE A 118 4.12 3.78 1.10
C PHE A 118 5.58 4.21 1.32
N GLY A 119 6.36 3.34 1.96
CA GLY A 119 7.76 3.62 2.25
C GLY A 119 8.67 3.73 1.04
N PHE A 120 8.45 2.87 0.04
CA PHE A 120 9.22 2.90 -1.20
C PHE A 120 8.82 4.07 -2.10
N ARG A 121 7.68 4.70 -1.80
CA ARG A 121 7.18 5.82 -2.60
C ARG A 121 7.15 7.14 -1.83
N LYS A 122 8.16 7.34 -0.98
CA LYS A 122 8.38 8.60 -0.27
C LYS A 122 7.13 9.11 0.46
N GLY A 123 6.40 8.19 1.09
CA GLY A 123 5.18 8.51 1.80
C GLY A 123 4.11 9.18 0.94
N PHE A 124 4.05 8.78 -0.33
CA PHE A 124 3.15 9.36 -1.34
C PHE A 124 3.40 10.85 -1.62
N LYS A 125 4.65 11.27 -1.45
CA LYS A 125 5.03 12.65 -1.75
C LYS A 125 5.90 12.75 -3.00
N GLU A 126 6.24 13.99 -3.37
CA GLU A 126 7.07 14.28 -4.54
C GLU A 126 8.48 13.70 -4.38
N GLY A 127 8.95 13.02 -5.41
CA GLY A 127 10.28 12.41 -5.41
C GLY A 127 10.37 11.18 -6.30
N LYS A 128 11.57 10.63 -6.38
CA LYS A 128 11.81 9.42 -7.17
C LYS A 128 11.70 8.19 -6.28
N GLY A 129 10.60 7.45 -6.43
CA GLY A 129 10.36 6.25 -5.64
C GLY A 129 10.99 5.02 -6.26
N ARG A 130 10.70 3.86 -5.66
CA ARG A 130 11.17 2.58 -6.19
C ARG A 130 10.04 1.56 -6.18
N GLU A 131 10.15 0.56 -7.05
CA GLU A 131 9.14 -0.48 -7.18
C GLU A 131 9.52 -1.73 -6.41
N LEU A 132 8.52 -2.41 -5.85
CA LEU A 132 8.73 -3.64 -5.09
C LEU A 132 9.00 -4.84 -6.01
N LYS A 133 8.38 -4.83 -7.19
CA LYS A 133 8.60 -5.89 -8.18
C LYS A 133 10.09 -6.02 -8.50
N ASP A 134 10.55 -7.28 -8.57
CA ASP A 134 11.94 -7.62 -8.91
C ASP A 134 12.96 -7.40 -7.77
N LYS A 135 12.49 -6.87 -6.64
CA LYS A 135 13.35 -6.75 -5.45
C LYS A 135 13.20 -8.02 -4.59
N THR A 136 14.15 -8.23 -3.69
CA THR A 136 14.09 -9.39 -2.80
C THR A 136 13.60 -8.99 -1.41
N LEU A 137 12.56 -9.67 -0.96
CA LEU A 137 11.97 -9.46 0.35
C LEU A 137 12.45 -10.51 1.35
N GLY A 138 12.93 -10.03 2.51
CA GLY A 138 13.31 -10.90 3.61
C GLY A 138 12.26 -10.94 4.69
N ILE A 139 11.60 -12.09 4.82
CA ILE A 139 10.61 -12.30 5.87
C ILE A 139 11.31 -12.83 7.12
N CYS A 140 11.30 -12.01 8.17
CA CYS A 140 11.91 -12.36 9.44
C CYS A 140 10.83 -12.87 10.40
N GLY A 141 10.69 -14.20 10.44
CA GLY A 141 9.59 -14.84 11.15
C GLY A 141 8.45 -15.11 10.17
N CYS A 142 8.32 -16.36 9.74
CA CYS A 142 7.34 -16.71 8.71
C CYS A 142 6.23 -17.61 9.27
N GLY A 143 5.39 -17.03 10.11
CA GLY A 143 4.20 -17.71 10.63
C GLY A 143 2.98 -17.27 9.86
N TYR A 144 1.87 -17.08 10.56
CA TYR A 144 0.61 -16.69 9.93
C TYR A 144 0.66 -15.38 9.15
N VAL A 145 1.17 -14.31 9.78
CA VAL A 145 1.31 -13.02 9.10
C VAL A 145 2.39 -13.08 8.03
N GLY A 146 3.57 -13.56 8.41
CA GLY A 146 4.71 -13.70 7.49
C GLY A 146 4.37 -14.43 6.21
N LYS A 147 3.63 -15.54 6.34
CA LYS A 147 3.22 -16.38 5.21
C LYS A 147 2.25 -15.65 4.28
N ARG A 148 1.32 -14.91 4.87
CA ARG A 148 0.34 -14.14 4.10
C ARG A 148 0.98 -12.96 3.37
N VAL A 149 1.97 -12.34 4.00
CA VAL A 149 2.77 -11.28 3.36
C VAL A 149 3.50 -11.83 2.13
N LYS A 150 4.16 -12.98 2.31
CA LYS A 150 4.84 -13.68 1.23
C LYS A 150 3.93 -13.83 0.01
N GLU A 151 2.75 -14.37 0.26
CA GLU A 151 1.71 -14.59 -0.74
C GLU A 151 1.41 -13.34 -1.58
N ILE A 152 1.18 -12.21 -0.91
CA ILE A 152 0.86 -10.96 -1.59
C ILE A 152 2.08 -10.42 -2.36
N ALA A 153 3.24 -10.44 -1.71
CA ALA A 153 4.49 -9.97 -2.30
C ALA A 153 4.88 -10.75 -3.56
N GLU A 154 4.62 -12.06 -3.55
CA GLU A 154 4.84 -12.91 -4.73
C GLU A 154 4.02 -12.47 -5.94
N GLY A 155 2.77 -12.06 -5.70
CA GLY A 155 1.90 -11.52 -6.75
C GLY A 155 2.38 -10.19 -7.29
N ILE A 156 3.03 -9.40 -6.42
CA ILE A 156 3.66 -8.14 -6.79
C ILE A 156 4.94 -8.40 -7.61
N GLY A 157 5.50 -9.60 -7.47
CA GLY A 157 6.67 -10.00 -8.26
C GLY A 157 7.97 -9.88 -7.49
N MET A 158 7.89 -9.81 -6.17
CA MET A 158 9.07 -9.82 -5.31
C MET A 158 9.65 -11.22 -5.21
N LYS A 159 10.96 -11.31 -5.07
CA LYS A 159 11.62 -12.56 -4.69
C LYS A 159 11.58 -12.69 -3.17
N ILE A 160 11.53 -13.92 -2.67
CA ILE A 160 11.34 -14.16 -1.24
C ILE A 160 12.50 -14.95 -0.63
N LYS A 161 13.00 -14.47 0.52
CA LYS A 161 13.93 -15.22 1.36
C LYS A 161 13.44 -15.18 2.81
N VAL A 162 13.69 -16.27 3.55
CA VAL A 162 13.08 -16.46 4.87
C VAL A 162 14.09 -16.78 5.97
N TYR A 163 13.96 -16.08 7.10
CA TYR A 163 14.65 -16.47 8.34
C TYR A 163 13.62 -16.83 9.41
N ASP A 164 13.65 -18.09 9.84
CA ASP A 164 12.75 -18.62 10.87
C ASP A 164 13.24 -20.01 11.28
N PRO A 165 13.95 -20.11 12.43
CA PRO A 165 14.54 -21.35 12.94
C PRO A 165 13.53 -22.45 13.26
N PHE A 166 12.28 -22.09 13.51
CA PHE A 166 11.26 -23.02 13.97
C PHE A 166 10.55 -23.77 12.85
N ILE A 167 10.80 -23.36 11.60
CA ILE A 167 10.15 -23.98 10.44
C ILE A 167 11.14 -24.40 9.36
N THR A 168 10.66 -25.20 8.42
CA THR A 168 11.42 -25.58 7.23
C THR A 168 10.66 -25.16 5.98
N THR A 169 11.33 -24.40 5.11
CA THR A 169 10.72 -23.87 3.89
C THR A 169 11.78 -23.61 2.82
N GLU A 170 11.33 -23.38 1.58
CA GLU A 170 12.25 -23.05 0.49
C GLU A 170 12.80 -21.63 0.61
N ASN A 171 13.93 -21.38 -0.05
CA ASN A 171 14.63 -20.09 -0.03
C ASN A 171 14.92 -19.57 1.39
N GLN A 172 15.39 -20.48 2.24
CA GLN A 172 15.60 -20.21 3.66
C GLN A 172 17.07 -20.00 4.01
N VAL A 173 17.35 -18.97 4.79
CA VAL A 173 18.69 -18.75 5.35
C VAL A 173 18.73 -19.22 6.81
N LYS A 174 19.90 -19.65 7.28
CA LYS A 174 20.04 -20.13 8.65
C LYS A 174 20.62 -19.06 9.59
N LYS A 175 21.32 -18.09 9.01
CA LYS A 175 21.81 -16.93 9.76
C LYS A 175 20.98 -15.70 9.43
N ILE A 176 20.55 -14.98 10.47
CA ILE A 176 19.77 -13.75 10.29
C ILE A 176 20.61 -12.69 9.55
N GLU A 177 21.92 -12.75 9.76
CA GLU A 177 22.88 -11.90 9.05
C GLU A 177 22.72 -12.03 7.53
N GLU A 178 22.52 -13.25 7.05
CA GLU A 178 22.37 -13.53 5.63
C GLU A 178 21.14 -12.84 5.02
N LEU A 179 20.05 -12.79 5.78
CA LEU A 179 18.81 -12.15 5.35
C LEU A 179 19.01 -10.66 5.08
N PHE A 180 19.73 -10.00 5.99
CA PHE A 180 19.96 -8.56 5.89
C PHE A 180 20.97 -8.18 4.81
N GLU A 181 21.86 -9.10 4.47
CA GLU A 181 22.84 -8.92 3.40
C GLU A 181 22.20 -9.02 2.02
N GLU A 182 21.23 -9.93 1.88
CA GLU A 182 20.71 -10.31 0.57
C GLU A 182 19.37 -9.69 0.18
N CYS A 183 18.72 -9.01 1.14
CA CYS A 183 17.38 -8.48 0.89
C CYS A 183 17.28 -6.96 0.94
N GLN A 184 16.66 -6.39 -0.09
CA GLN A 184 16.41 -4.95 -0.15
C GLN A 184 15.33 -4.52 0.84
N VAL A 185 14.36 -5.41 1.10
CA VAL A 185 13.28 -5.13 2.04
C VAL A 185 13.21 -6.20 3.13
N ILE A 186 13.19 -5.76 4.38
CA ILE A 186 13.01 -6.65 5.52
C ILE A 186 11.66 -6.40 6.18
N SER A 187 10.97 -7.49 6.52
CA SER A 187 9.70 -7.40 7.23
C SER A 187 9.70 -8.27 8.49
N LEU A 188 9.57 -7.63 9.64
CA LEU A 188 9.60 -8.31 10.93
C LEU A 188 8.24 -8.87 11.33
N HIS A 189 8.22 -10.17 11.63
CA HIS A 189 7.01 -10.85 12.10
C HIS A 189 7.34 -11.80 13.26
N LEU A 190 8.21 -11.32 14.15
CA LEU A 190 8.67 -12.10 15.30
C LEU A 190 7.86 -11.72 16.54
N PRO A 191 7.60 -12.70 17.43
CA PRO A 191 7.03 -12.35 18.74
C PRO A 191 8.10 -11.74 19.64
N LEU A 192 7.66 -11.01 20.67
CA LEU A 192 8.58 -10.50 21.68
C LEU A 192 8.81 -11.55 22.77
N THR A 193 10.02 -12.10 22.78
CA THR A 193 10.44 -13.07 23.79
C THR A 193 11.70 -12.55 24.48
N LYS A 194 12.31 -13.38 25.33
CA LYS A 194 13.63 -13.09 25.91
C LYS A 194 14.66 -12.98 24.78
N GLU A 195 14.56 -13.89 23.82
CA GLU A 195 15.48 -13.99 22.69
C GLU A 195 15.41 -12.82 21.72
N THR A 196 14.20 -12.37 21.41
CA THR A 196 13.98 -11.37 20.36
C THR A 196 14.10 -9.92 20.81
N LYS A 197 14.09 -9.70 22.12
CA LYS A 197 14.17 -8.34 22.67
C LYS A 197 15.48 -7.67 22.31
N GLY A 198 15.38 -6.53 21.64
CA GLY A 198 16.55 -5.78 21.16
C GLY A 198 17.45 -6.50 20.16
N LYS A 199 16.89 -7.50 19.46
CA LYS A 199 17.68 -8.31 18.53
C LYS A 199 18.03 -7.58 17.23
N ILE A 200 17.09 -6.81 16.70
CA ILE A 200 17.31 -6.09 15.44
C ILE A 200 18.00 -4.75 15.73
N GLY A 201 19.32 -4.76 15.62
CA GLY A 201 20.14 -3.60 15.97
C GLY A 201 21.16 -3.19 14.91
N TYR A 202 22.06 -2.30 15.32
CA TYR A 202 23.09 -1.72 14.44
C TYR A 202 23.79 -2.72 13.50
N GLU A 203 24.26 -3.83 14.06
CA GLU A 203 25.07 -4.80 13.31
C GLU A 203 24.33 -5.53 12.20
N LEU A 204 23.02 -5.73 12.38
CA LEU A 204 22.21 -6.37 11.35
C LEU A 204 21.74 -5.37 10.28
N ILE A 205 21.24 -4.22 10.72
CA ILE A 205 20.72 -3.17 9.83
C ILE A 205 21.82 -2.59 8.92
N LYS A 206 23.06 -2.59 9.42
CA LYS A 206 24.26 -2.27 8.65
C LYS A 206 24.27 -2.86 7.25
N LYS A 207 23.96 -4.15 7.18
CA LYS A 207 24.22 -5.00 6.02
C LYS A 207 23.25 -4.82 4.85
N LEU A 208 22.26 -3.97 5.03
CA LEU A 208 21.23 -3.73 4.00
C LEU A 208 21.82 -3.09 2.74
N PRO A 209 21.35 -3.51 1.55
CA PRO A 209 21.73 -2.89 0.27
C PRO A 209 21.27 -1.43 0.21
N TYR A 210 21.58 -0.74 -0.90
CA TYR A 210 21.20 0.67 -1.04
C TYR A 210 19.69 0.88 -0.95
N GLY A 211 19.30 1.85 -0.13
CA GLY A 211 17.90 2.16 0.08
C GLY A 211 17.15 1.01 0.73
N GLY A 212 17.85 0.27 1.57
CA GLY A 212 17.26 -0.83 2.34
C GLY A 212 16.12 -0.33 3.21
N MET A 213 15.04 -1.10 3.26
CA MET A 213 13.86 -0.73 4.02
C MET A 213 13.48 -1.84 4.99
N ILE A 214 13.18 -1.45 6.23
CA ILE A 214 12.65 -2.37 7.23
C ILE A 214 11.22 -1.98 7.58
N CYS A 215 10.32 -2.95 7.45
CA CYS A 215 8.95 -2.77 7.87
C CYS A 215 8.70 -3.57 9.14
N ASN A 216 8.28 -2.88 10.20
CA ASN A 216 8.01 -3.54 11.48
C ASN A 216 6.54 -3.44 11.90
N THR A 217 5.79 -4.49 11.61
CA THR A 217 4.40 -4.61 12.06
C THR A 217 4.29 -5.61 13.22
N ALA A 218 5.40 -5.87 13.90
CA ALA A 218 5.44 -6.84 15.00
C ALA A 218 5.41 -6.18 16.37
N ARG A 219 6.58 -5.90 16.94
CA ARG A 219 6.72 -5.29 18.26
C ARG A 219 7.88 -4.30 18.28
N LYS A 220 7.71 -3.18 18.99
CA LYS A 220 8.74 -2.14 19.02
C LYS A 220 10.00 -2.55 19.79
N GLU A 221 9.85 -3.45 20.76
CA GLU A 221 10.96 -3.84 21.63
C GLU A 221 11.93 -4.86 21.02
N ILE A 222 11.61 -5.38 19.84
CA ILE A 222 12.55 -6.25 19.12
C ILE A 222 13.64 -5.42 18.43
N ILE A 223 13.36 -4.13 18.25
CA ILE A 223 14.32 -3.19 17.70
C ILE A 223 15.21 -2.64 18.80
N ASP A 224 16.53 -2.65 18.57
CA ASP A 224 17.46 -1.93 19.42
C ASP A 224 17.48 -0.49 18.91
N GLU A 225 16.67 0.36 19.54
CA GLU A 225 16.42 1.72 19.08
C GLU A 225 17.69 2.56 18.92
N GLU A 226 18.59 2.49 19.89
CA GLU A 226 19.84 3.25 19.84
C GLU A 226 20.75 2.79 18.71
N GLY A 227 20.72 1.49 18.43
CA GLY A 227 21.40 0.92 17.27
C GLY A 227 20.81 1.38 15.94
N LEU A 228 19.49 1.41 15.86
CA LEU A 228 18.79 1.87 14.63
C LEU A 228 19.04 3.35 14.36
N ILE A 229 18.99 4.16 15.42
CA ILE A 229 19.32 5.58 15.33
C ILE A 229 20.73 5.76 14.76
N ARG A 230 21.67 4.97 15.28
CA ARG A 230 23.08 5.06 14.90
C ARG A 230 23.33 4.77 13.42
N ILE A 231 22.80 3.65 12.93
CA ILE A 231 22.97 3.27 11.52
C ILE A 231 22.23 4.22 10.56
N MET A 232 21.10 4.77 11.02
CA MET A 232 20.30 5.68 10.18
C MET A 232 20.93 7.06 10.03
N ARG A 233 21.67 7.48 11.05
CA ARG A 233 22.47 8.71 10.99
C ARG A 233 23.66 8.51 10.06
N GLU A 234 24.21 7.30 10.10
CA GLU A 234 25.33 6.89 9.28
C GLU A 234 24.92 6.69 7.82
N ARG A 235 23.79 6.02 7.62
CA ARG A 235 23.30 5.72 6.27
C ARG A 235 21.94 6.37 6.01
N GLU A 236 21.97 7.48 5.28
CA GLU A 236 20.78 8.28 5.02
C GLU A 236 19.85 7.68 3.97
N ASP A 237 20.27 6.60 3.34
CA ASP A 237 19.46 5.91 2.32
C ASP A 237 18.46 4.93 2.94
N LEU A 238 18.69 4.56 4.20
CA LEU A 238 17.87 3.54 4.87
C LEU A 238 16.50 4.06 5.31
N ILE A 239 15.50 3.19 5.17
CA ILE A 239 14.11 3.53 5.44
C ILE A 239 13.53 2.59 6.51
N TYR A 240 12.84 3.16 7.48
CA TYR A 240 12.18 2.38 8.53
C TYR A 240 10.69 2.73 8.66
N ILE A 241 9.83 1.76 8.38
CA ILE A 241 8.38 1.92 8.53
C ILE A 241 7.88 0.99 9.62
N THR A 242 7.01 1.50 10.49
CA THR A 242 6.53 0.70 11.62
C THR A 242 5.07 0.94 11.99
N ASP A 243 4.40 -0.13 12.40
CA ASP A 243 3.07 -0.03 13.01
C ASP A 243 3.21 0.06 14.53
N VAL A 244 4.43 -0.12 15.03
CA VAL A 244 4.72 -0.05 16.47
C VAL A 244 5.73 1.06 16.77
N ALA A 245 5.22 2.29 16.85
CA ALA A 245 6.06 3.50 17.02
C ALA A 245 7.12 3.36 18.11
N PRO A 246 8.35 3.82 17.84
CA PRO A 246 9.43 3.72 18.83
C PRO A 246 9.24 4.64 20.03
N THR A 247 9.93 4.33 21.13
CA THR A 247 9.91 5.14 22.35
C THR A 247 10.66 6.46 22.11
N SER A 248 11.86 6.38 21.56
CA SER A 248 12.72 7.54 21.32
C SER A 248 12.11 8.53 20.32
N LYS A 249 12.24 9.82 20.64
CA LYS A 249 11.70 10.90 19.80
C LYS A 249 12.61 11.28 18.63
N VAL A 250 13.82 10.73 18.61
CA VAL A 250 14.82 11.04 17.59
C VAL A 250 14.32 10.77 16.16
N PHE A 251 13.59 9.67 15.99
CA PHE A 251 13.10 9.24 14.67
C PHE A 251 12.21 10.29 14.00
N ASN A 252 11.31 10.89 14.76
CA ASN A 252 10.44 11.95 14.27
C ASN A 252 11.22 13.24 13.99
N ASN A 253 12.16 13.56 14.88
CA ASN A 253 12.96 14.78 14.78
C ASN A 253 13.92 14.80 13.59
N GLU A 254 14.57 13.66 13.32
CA GLU A 254 15.74 13.63 12.42
C GLU A 254 15.54 12.96 11.06
N PHE A 255 14.79 11.87 11.03
CA PHE A 255 14.77 11.01 9.84
C PHE A 255 13.55 11.25 8.94
N LYS A 256 13.26 12.52 8.69
CA LYS A 256 12.11 12.91 7.88
C LYS A 256 12.29 12.45 6.43
N GLY A 257 11.26 11.82 5.89
CA GLY A 257 11.28 11.31 4.52
C GLY A 257 11.62 9.84 4.40
N ARG A 258 12.23 9.29 5.45
CA ARG A 258 12.63 7.88 5.47
C ARG A 258 12.19 7.16 6.73
N PHE A 259 11.38 7.84 7.55
CA PHE A 259 10.77 7.24 8.73
C PHE A 259 9.27 7.47 8.71
N PHE A 260 8.51 6.42 8.98
CA PHE A 260 7.05 6.51 9.01
C PHE A 260 6.47 5.59 10.08
N ALA A 261 5.72 6.17 11.01
CA ALA A 261 5.08 5.42 12.09
C ALA A 261 3.61 5.76 12.20
N THR A 262 2.80 4.74 12.51
CA THR A 262 1.39 4.94 12.84
C THR A 262 1.29 5.52 14.25
N PRO A 263 0.28 6.39 14.50
CA PRO A 263 0.14 6.98 15.84
C PRO A 263 -0.20 5.92 16.89
N ILE A 264 -0.84 4.85 16.45
CA ILE A 264 -1.18 3.71 17.29
C ILE A 264 -1.10 2.44 16.43
N LYS A 265 -0.92 1.29 17.06
CA LYS A 265 -0.88 0.01 16.38
C LYS A 265 -2.23 -0.30 15.72
N ILE A 266 -2.26 -0.29 14.39
CA ILE A 266 -3.53 -0.51 13.65
C ILE A 266 -3.58 -1.78 12.80
N GLY A 267 -2.56 -2.63 12.90
CA GLY A 267 -2.51 -3.89 12.16
C GLY A 267 -3.79 -4.71 12.30
N ALA A 268 -4.23 -4.89 13.54
CA ALA A 268 -5.45 -5.64 13.83
C ALA A 268 -6.69 -4.74 13.96
N GLU A 269 -6.57 -3.47 13.58
CA GLU A 269 -7.69 -2.53 13.64
C GLU A 269 -8.55 -2.55 12.38
N THR A 270 -9.14 -3.71 12.09
CA THR A 270 -10.11 -3.83 11.01
C THR A 270 -11.36 -4.54 11.51
N GLU A 271 -12.47 -4.28 10.83
CA GLU A 271 -13.73 -4.99 11.06
C GLU A 271 -13.51 -6.49 11.04
N GLU A 272 -12.92 -6.97 9.94
CA GLU A 272 -12.77 -8.41 9.66
C GLU A 272 -11.90 -9.13 10.70
N SER A 273 -10.76 -8.53 11.05
CA SER A 273 -9.84 -9.11 12.02
C SER A 273 -10.41 -9.12 13.44
N ASN A 274 -11.07 -8.03 13.83
CA ASN A 274 -11.76 -7.96 15.13
C ASN A 274 -12.76 -9.10 15.29
N ILE A 275 -13.58 -9.31 14.24
CA ILE A 275 -14.56 -10.39 14.19
C ILE A 275 -13.88 -11.75 14.40
N ASN A 276 -12.86 -12.04 13.59
CA ASN A 276 -12.12 -13.29 13.68
C ASN A 276 -11.46 -13.52 15.05
N ALA A 277 -10.72 -12.52 15.52
CA ALA A 277 -10.00 -12.61 16.79
C ALA A 277 -10.94 -12.71 17.98
N GLY A 278 -11.97 -11.86 17.99
CA GLY A 278 -12.93 -11.81 19.09
C GLY A 278 -13.79 -13.05 19.22
N MET A 279 -14.35 -13.51 18.09
CA MET A 279 -15.22 -14.68 18.08
C MET A 279 -14.48 -15.98 18.38
N ALA A 280 -13.22 -16.08 17.94
CA ALA A 280 -12.38 -17.22 18.27
C ALA A 280 -12.09 -17.25 19.77
N ALA A 281 -11.84 -16.07 20.35
CA ALA A 281 -11.60 -15.95 21.80
C ALA A 281 -12.82 -16.39 22.60
N ALA A 282 -14.00 -16.02 22.12
CA ALA A 282 -15.26 -16.39 22.76
C ALA A 282 -15.51 -17.89 22.64
N SER A 283 -15.25 -18.46 21.47
CA SER A 283 -15.41 -19.90 21.23
C SER A 283 -14.42 -20.73 22.06
N GLN A 284 -13.20 -20.22 22.18
CA GLN A 284 -12.17 -20.90 22.98
C GLN A 284 -12.48 -20.87 24.49
N ILE A 285 -12.99 -19.74 24.97
CA ILE A 285 -13.46 -19.65 26.35
C ILE A 285 -14.65 -20.59 26.56
N CYS A 286 -15.60 -20.55 25.63
CA CYS A 286 -16.79 -21.39 25.68
C CYS A 286 -16.43 -22.86 25.76
N ASP A 287 -15.53 -23.31 24.90
CA ASP A 287 -15.07 -24.69 24.88
C ASP A 287 -14.30 -25.10 26.13
N PHE A 288 -13.56 -24.16 26.72
CA PHE A 288 -12.84 -24.40 27.96
C PHE A 288 -13.79 -24.69 29.12
N PHE A 289 -14.88 -23.92 29.21
CA PHE A 289 -15.86 -24.10 30.27
C PHE A 289 -16.89 -25.19 29.99
N THR A 290 -16.92 -25.65 28.74
CA THR A 290 -17.86 -26.70 28.32
C THR A 290 -17.20 -28.08 28.34
N ASN A 291 -15.98 -28.18 27.80
CA ASN A 291 -15.29 -29.46 27.66
C ASN A 291 -13.87 -29.47 28.23
N GLY A 292 -13.42 -28.32 28.72
CA GLY A 292 -12.08 -28.19 29.28
C GLY A 292 -10.97 -28.30 28.26
N THR A 293 -11.30 -28.03 27.00
CA THR A 293 -10.33 -28.13 25.91
C THR A 293 -9.31 -27.00 26.04
N VAL A 294 -8.03 -27.37 25.97
CA VAL A 294 -6.95 -26.41 26.17
C VAL A 294 -6.05 -26.27 24.94
N LYS A 295 -6.62 -26.49 23.77
CA LYS A 295 -5.96 -26.19 22.51
C LYS A 295 -5.69 -24.68 22.46
N PHE A 296 -4.51 -24.32 21.99
CA PHE A 296 -4.05 -22.93 21.90
C PHE A 296 -3.56 -22.35 23.24
N GLN A 297 -3.49 -23.20 24.27
CA GLN A 297 -2.88 -22.80 25.54
C GLN A 297 -1.37 -22.61 25.37
N VAL A 298 -0.85 -21.50 25.89
CA VAL A 298 0.56 -21.16 25.71
C VAL A 298 1.39 -21.34 26.99
N ASN A 299 0.73 -21.75 28.06
CA ASN A 299 1.41 -22.00 29.34
C ASN A 299 1.05 -23.36 29.94
N LYS A 300 1.68 -23.70 31.07
CA LYS A 300 1.35 -24.91 31.83
C LYS A 300 1.75 -24.74 33.29
N PHE A 301 0.94 -25.26 34.19
CA PHE A 301 1.13 -25.07 35.63
C PHE A 301 0.78 -26.32 36.46
N LEU A 302 1.06 -26.25 37.76
CA LEU A 302 0.71 -27.28 38.75
C LEU A 302 1.35 -28.65 38.48
N ALA B 1 22.57 10.89 -41.00
CA ALA B 1 23.13 10.00 -39.94
C ALA B 1 22.98 10.62 -38.54
N SER B 2 23.10 11.94 -38.45
CA SER B 2 23.04 12.62 -37.16
C SER B 2 21.77 13.48 -37.01
N MET B 3 20.89 13.06 -36.11
CA MET B 3 19.65 13.75 -35.84
C MET B 3 19.72 14.47 -34.49
N LYS B 4 19.04 15.61 -34.39
CA LYS B 4 18.94 16.34 -33.13
C LYS B 4 17.70 15.89 -32.38
N ILE B 5 17.91 15.33 -31.19
CA ILE B 5 16.81 14.83 -30.35
C ILE B 5 16.67 15.68 -29.09
N VAL B 6 15.53 16.34 -28.97
CA VAL B 6 15.23 17.18 -27.83
C VAL B 6 14.33 16.43 -26.84
N VAL B 7 14.73 16.43 -25.57
CA VAL B 7 13.94 15.79 -24.52
C VAL B 7 13.26 16.87 -23.66
N ILE B 8 11.95 16.95 -23.78
CA ILE B 8 11.16 17.95 -23.07
C ILE B 8 10.48 17.31 -21.86
N THR B 9 10.96 17.67 -20.68
CA THR B 9 10.43 17.15 -19.42
C THR B 9 10.46 18.20 -18.30
N GLU B 10 9.33 18.87 -18.08
CA GLU B 10 9.16 19.75 -16.92
C GLU B 10 9.35 18.96 -15.63
N LYS B 11 8.97 17.68 -15.68
CA LYS B 11 9.25 16.72 -14.62
C LYS B 11 10.28 15.73 -15.16
N PRO B 12 11.57 15.94 -14.80
CA PRO B 12 12.67 15.22 -15.44
C PRO B 12 12.75 13.74 -15.08
N PHE B 13 13.34 12.95 -15.97
CA PHE B 13 13.64 11.54 -15.69
C PHE B 13 14.70 11.45 -14.59
N ALA B 14 14.79 10.28 -13.97
CA ALA B 14 15.90 9.98 -13.06
C ALA B 14 17.18 9.84 -13.88
N GLU B 15 18.31 10.17 -13.26
CA GLU B 15 19.62 10.15 -13.95
C GLU B 15 19.85 8.92 -14.84
N ASN B 16 19.59 7.74 -14.27
CA ASN B 16 19.78 6.47 -14.99
C ASN B 16 18.96 6.33 -16.27
N ALA B 17 17.81 6.99 -16.31
CA ALA B 17 16.96 7.01 -17.50
C ALA B 17 17.54 7.92 -18.58
N VAL B 18 18.09 9.05 -18.16
CA VAL B 18 18.75 9.99 -19.06
C VAL B 18 19.98 9.34 -19.69
N LYS B 19 20.76 8.65 -18.86
CA LYS B 19 21.94 7.91 -19.31
C LYS B 19 21.57 6.87 -20.37
N GLY B 20 20.52 6.10 -20.10
CA GLY B 20 20.00 5.12 -21.04
C GLY B 20 19.58 5.74 -22.36
N ILE B 21 18.88 6.87 -22.28
CA ILE B 21 18.49 7.66 -23.46
C ILE B 21 19.73 8.06 -24.26
N ARG B 22 20.73 8.62 -23.56
CA ARG B 22 21.97 9.05 -24.20
C ARG B 22 22.76 7.88 -24.79
N GLU B 23 22.75 6.74 -24.12
CA GLU B 23 23.48 5.56 -24.59
C GLU B 23 22.91 4.99 -25.90
N ILE B 24 21.59 4.93 -26.02
CA ILE B 24 20.93 4.44 -27.23
C ILE B 24 21.15 5.40 -28.41
N LEU B 25 20.95 6.69 -28.16
CA LEU B 25 20.95 7.69 -29.22
C LEU B 25 22.34 8.17 -29.68
N GLU B 26 23.25 8.36 -28.73
CA GLU B 26 24.61 8.82 -29.04
C GLU B 26 25.47 7.75 -29.71
N LYS B 27 25.25 6.49 -29.33
CA LYS B 27 25.88 5.35 -30.01
C LYS B 27 25.46 5.29 -31.48
N ALA B 28 24.21 5.62 -31.75
CA ALA B 28 23.68 5.67 -33.11
C ALA B 28 24.06 6.99 -33.81
N GLY B 29 24.86 7.81 -33.12
CA GLY B 29 25.41 9.04 -33.69
C GLY B 29 24.44 10.20 -33.74
N HIS B 30 23.62 10.35 -32.70
CA HIS B 30 22.68 11.47 -32.61
C HIS B 30 23.07 12.43 -31.49
N GLU B 31 22.50 13.63 -31.53
CA GLU B 31 22.68 14.63 -30.47
C GLU B 31 21.44 14.64 -29.57
N VAL B 32 21.68 14.66 -28.26
CA VAL B 32 20.61 14.69 -27.27
C VAL B 32 20.72 15.96 -26.40
N VAL B 33 19.71 16.82 -26.51
CA VAL B 33 19.63 18.02 -25.67
C VAL B 33 18.42 17.96 -24.73
N MET B 34 18.67 18.27 -23.46
CA MET B 34 17.65 18.19 -22.42
C MET B 34 17.01 19.56 -22.16
N ILE B 35 15.69 19.55 -22.01
CA ILE B 35 14.97 20.71 -21.50
C ILE B 35 14.23 20.28 -20.24
N GLU B 36 14.83 20.58 -19.09
CA GLU B 36 14.31 20.14 -17.80
C GLU B 36 13.93 21.31 -16.90
N LYS B 37 12.85 21.15 -16.16
CA LYS B 37 12.34 22.14 -15.20
C LYS B 37 12.15 23.54 -15.79
N TYR B 38 11.69 23.60 -17.03
CA TYR B 38 11.40 24.88 -17.69
C TYR B 38 10.16 25.54 -17.09
N LYS B 39 10.16 26.87 -17.06
CA LYS B 39 9.07 27.62 -16.45
C LYS B 39 8.05 28.05 -17.49
N LYS B 40 8.52 28.75 -18.53
CA LYS B 40 7.66 29.21 -19.62
C LYS B 40 7.85 28.33 -20.86
N LYS B 41 6.80 28.20 -21.67
CA LYS B 41 6.87 27.41 -22.90
C LYS B 41 7.63 28.12 -24.01
N GLU B 42 8.01 29.38 -23.77
CA GLU B 42 8.89 30.13 -24.66
C GLU B 42 10.26 29.47 -24.76
N ASP B 43 10.68 28.85 -23.64
CA ASP B 43 11.93 28.11 -23.56
C ASP B 43 11.89 26.90 -24.51
N VAL B 44 10.74 26.23 -24.53
CA VAL B 44 10.53 25.06 -25.40
C VAL B 44 10.54 25.44 -26.88
N ILE B 45 9.80 26.50 -27.22
CA ILE B 45 9.67 26.99 -28.60
C ILE B 45 11.04 27.24 -29.26
N GLU B 46 11.97 27.79 -28.49
CA GLU B 46 13.32 28.10 -28.97
C GLU B 46 14.16 26.85 -29.25
N ARG B 47 14.17 25.92 -28.30
CA ARG B 47 15.03 24.75 -28.38
C ARG B 47 14.53 23.68 -29.35
N ILE B 48 13.25 23.77 -29.74
CA ILE B 48 12.63 22.77 -30.61
C ILE B 48 12.80 23.08 -32.12
N LYS B 49 12.99 24.35 -32.45
CA LYS B 49 13.02 24.79 -33.86
C LYS B 49 13.98 24.00 -34.75
N ASP B 50 15.03 23.46 -34.12
CA ASP B 50 16.11 22.77 -34.82
C ASP B 50 16.01 21.24 -34.68
N ALA B 51 15.12 20.79 -33.78
CA ALA B 51 14.99 19.37 -33.45
C ALA B 51 14.43 18.52 -34.59
N ASP B 52 15.00 17.33 -34.76
CA ASP B 52 14.52 16.34 -35.73
C ASP B 52 13.55 15.36 -35.06
N GLY B 53 13.83 15.06 -33.79
CA GLY B 53 12.98 14.18 -32.98
C GLY B 53 12.77 14.74 -31.59
N VAL B 54 11.67 14.34 -30.95
CA VAL B 54 11.30 14.82 -29.62
C VAL B 54 10.89 13.68 -28.70
N ILE B 55 11.39 13.71 -27.46
CA ILE B 55 10.91 12.85 -26.38
C ILE B 55 10.18 13.71 -25.35
N VAL B 56 8.98 13.28 -24.96
CA VAL B 56 8.13 14.06 -24.05
C VAL B 56 7.48 13.19 -22.96
N ARG B 57 7.13 13.82 -21.84
CA ARG B 57 6.37 13.17 -20.78
C ARG B 57 4.91 13.62 -20.87
N SER B 58 4.40 14.19 -19.77
CA SER B 58 3.04 14.73 -19.73
C SER B 58 2.98 16.18 -20.23
N ASP B 59 4.13 16.71 -20.64
CA ASP B 59 4.26 18.11 -21.07
C ASP B 59 3.26 18.44 -22.18
N LYS B 60 2.58 19.57 -22.02
CA LYS B 60 1.62 20.04 -23.00
C LYS B 60 2.33 20.40 -24.30
N ILE B 61 1.97 19.70 -25.37
CA ILE B 61 2.50 19.98 -26.70
C ILE B 61 1.35 20.46 -27.61
N ASP B 62 1.29 21.77 -27.81
CA ASP B 62 0.20 22.37 -28.57
C ASP B 62 0.64 22.87 -29.95
N GLU B 63 -0.30 23.46 -30.69
CA GLU B 63 -0.09 23.98 -32.03
C GLU B 63 1.14 24.89 -32.16
N GLU B 64 1.26 25.86 -31.25
CA GLU B 64 2.37 26.83 -31.29
C GLU B 64 3.74 26.16 -31.20
N ILE B 65 3.85 25.15 -30.32
CA ILE B 65 5.08 24.37 -30.18
C ILE B 65 5.33 23.53 -31.44
N ILE B 66 4.29 22.83 -31.89
CA ILE B 66 4.36 21.95 -33.07
C ILE B 66 4.83 22.70 -34.32
N LYS B 67 4.28 23.90 -34.55
CA LYS B 67 4.64 24.69 -35.72
C LYS B 67 6.04 25.30 -35.63
N ALA B 68 6.47 25.67 -34.42
CA ALA B 68 7.83 26.15 -34.18
C ALA B 68 8.87 25.06 -34.46
N GLY B 69 8.48 23.81 -34.23
CA GLY B 69 9.32 22.66 -34.58
C GLY B 69 9.10 22.26 -36.02
N GLU B 70 9.56 23.10 -36.95
CA GLU B 70 9.34 22.93 -38.38
C GLU B 70 10.01 21.71 -39.02
N LYS B 71 11.16 21.29 -38.46
CA LYS B 71 11.87 20.13 -38.98
C LYS B 71 11.70 18.86 -38.13
N VAL B 72 10.80 18.93 -37.14
CA VAL B 72 10.45 17.77 -36.31
C VAL B 72 9.75 16.72 -37.16
N LYS B 73 10.26 15.49 -37.12
CA LYS B 73 9.68 14.37 -37.87
C LYS B 73 8.93 13.41 -36.95
N ILE B 74 9.38 13.33 -35.69
CA ILE B 74 8.80 12.39 -34.73
C ILE B 74 8.74 12.93 -33.30
N ILE B 75 7.61 12.68 -32.64
CA ILE B 75 7.45 12.94 -31.21
C ILE B 75 7.09 11.64 -30.51
N VAL B 76 7.87 11.26 -29.50
CA VAL B 76 7.60 10.05 -28.73
C VAL B 76 7.33 10.38 -27.26
N ARG B 77 6.12 10.07 -26.81
CA ARG B 77 5.75 10.21 -25.41
C ARG B 77 6.25 9.01 -24.64
N ALA B 78 7.15 9.25 -23.70
CA ALA B 78 7.61 8.21 -22.78
C ALA B 78 6.51 7.92 -21.77
N GLY B 79 5.63 6.98 -22.13
CA GLY B 79 4.46 6.67 -21.32
C GLY B 79 3.30 6.18 -22.18
N ALA B 80 2.10 6.24 -21.60
CA ALA B 80 0.90 5.69 -22.24
C ALA B 80 0.02 6.76 -22.88
N GLY B 81 -0.44 7.72 -22.07
CA GLY B 81 -1.36 8.75 -22.52
C GLY B 81 -0.74 9.80 -23.42
N TYR B 82 -1.52 10.30 -24.37
CA TYR B 82 -1.07 11.36 -25.29
C TYR B 82 -2.07 12.52 -25.41
N ASP B 83 -2.95 12.65 -24.42
CA ASP B 83 -3.91 13.76 -24.35
C ASP B 83 -3.22 15.13 -24.26
N ASN B 84 -1.96 15.14 -23.83
CA ASN B 84 -1.17 16.36 -23.71
C ASN B 84 -0.64 16.89 -25.05
N ILE B 85 -0.72 16.07 -26.08
CA ILE B 85 -0.22 16.42 -27.42
C ILE B 85 -1.38 16.75 -28.35
N ASP B 86 -1.22 17.80 -29.14
CA ASP B 86 -2.20 18.18 -30.15
C ASP B 86 -1.98 17.34 -31.42
N ILE B 87 -2.74 16.25 -31.51
CA ILE B 87 -2.64 15.28 -32.61
C ILE B 87 -3.01 15.91 -33.96
N GLU B 88 -4.07 16.73 -33.95
CA GLU B 88 -4.56 17.39 -35.16
C GLU B 88 -3.48 18.28 -35.79
N ALA B 89 -2.83 19.11 -34.96
CA ALA B 89 -1.76 19.99 -35.40
C ALA B 89 -0.50 19.22 -35.81
N CYS B 90 -0.30 18.05 -35.19
CA CYS B 90 0.79 17.15 -35.56
C CYS B 90 0.55 16.56 -36.96
N ASN B 91 -0.71 16.26 -37.25
CA ASN B 91 -1.11 15.78 -38.58
C ASN B 91 -0.87 16.81 -39.67
N GLN B 92 -1.05 18.09 -39.31
CA GLN B 92 -0.79 19.20 -40.23
C GLN B 92 0.69 19.35 -40.54
N GLY B 93 1.52 19.23 -39.50
CA GLY B 93 2.98 19.33 -39.65
C GLY B 93 3.63 18.04 -40.12
N LYS B 94 2.81 17.05 -40.47
CA LYS B 94 3.25 15.73 -40.94
C LYS B 94 4.23 15.06 -39.96
N ILE B 95 3.90 15.13 -38.67
CA ILE B 95 4.75 14.62 -37.61
C ILE B 95 4.22 13.30 -37.08
N VAL B 96 5.09 12.29 -37.01
CA VAL B 96 4.75 11.00 -36.42
C VAL B 96 4.70 11.13 -34.90
N VAL B 97 3.58 10.72 -34.33
CA VAL B 97 3.40 10.74 -32.88
C VAL B 97 3.21 9.30 -32.37
N MET B 98 4.06 8.90 -31.43
CA MET B 98 3.94 7.58 -30.81
C MET B 98 4.11 7.61 -29.30
N ASN B 99 3.61 6.57 -28.64
CA ASN B 99 3.80 6.40 -27.21
C ASN B 99 4.65 5.16 -26.93
N THR B 100 4.77 4.79 -25.66
CA THR B 100 5.51 3.60 -25.26
C THR B 100 4.64 2.74 -24.35
N PRO B 101 3.71 1.95 -24.95
CA PRO B 101 2.71 1.22 -24.17
C PRO B 101 3.30 0.27 -23.12
N GLY B 102 2.72 0.28 -21.93
CA GLY B 102 3.08 -0.67 -20.87
C GLY B 102 4.37 -0.42 -20.12
N GLN B 103 5.13 0.59 -20.52
CA GLN B 103 6.44 0.84 -19.91
C GLN B 103 6.37 1.37 -18.47
N ASN B 104 5.36 2.20 -18.18
CA ASN B 104 5.13 2.73 -16.84
C ASN B 104 4.20 1.86 -15.99
N ARG B 105 3.69 0.78 -16.58
CA ARG B 105 2.55 0.03 -16.03
C ARG B 105 2.71 -0.44 -14.58
N ASN B 106 3.91 -0.85 -14.18
CA ASN B 106 4.10 -1.38 -12.84
C ASN B 106 4.21 -0.30 -11.78
N GLY B 107 4.85 0.82 -12.11
CA GLY B 107 4.90 1.96 -11.22
C GLY B 107 3.51 2.43 -10.84
N VAL B 108 2.65 2.59 -11.85
CA VAL B 108 1.30 3.10 -11.62
C VAL B 108 0.46 2.09 -10.83
N ALA B 109 0.55 0.81 -11.21
CA ALA B 109 -0.22 -0.26 -10.57
C ALA B 109 0.15 -0.47 -9.10
N GLU B 110 1.44 -0.44 -8.79
CA GLU B 110 1.91 -0.57 -7.41
C GLU B 110 1.43 0.59 -6.56
N LEU B 111 1.38 1.80 -7.14
CA LEU B 111 0.87 2.98 -6.45
C LEU B 111 -0.62 2.84 -6.22
N CYS B 112 -1.32 2.34 -7.24
CA CYS B 112 -2.76 2.10 -7.16
C CYS B 112 -3.12 1.13 -6.02
N ILE B 113 -2.39 0.02 -5.92
CA ILE B 113 -2.60 -0.94 -4.84
C ILE B 113 -2.28 -0.32 -3.47
N GLY B 114 -1.17 0.40 -3.39
CA GLY B 114 -0.75 1.08 -2.16
C GLY B 114 -1.78 2.09 -1.68
N MET B 115 -2.38 2.80 -2.63
CA MET B 115 -3.42 3.79 -2.34
C MET B 115 -4.72 3.14 -1.87
N MET B 116 -5.02 1.97 -2.42
CA MET B 116 -6.20 1.21 -2.01
C MET B 116 -6.11 0.78 -0.54
N ILE B 117 -4.95 0.24 -0.15
CA ILE B 117 -4.72 -0.15 1.25
C ILE B 117 -4.72 1.08 2.15
N PHE B 118 -4.04 2.14 1.71
CA PHE B 118 -3.95 3.41 2.43
C PHE B 118 -5.32 4.02 2.69
N GLY B 119 -6.17 3.99 1.67
CA GLY B 119 -7.52 4.55 1.75
C GLY B 119 -8.45 3.72 2.63
N PHE B 120 -8.30 2.41 2.55
CA PHE B 120 -9.10 1.49 3.37
C PHE B 120 -8.65 1.45 4.83
N ARG B 121 -7.42 1.89 5.10
CA ARG B 121 -6.90 1.92 6.48
C ARG B 121 -6.76 3.35 7.01
N LYS B 122 -7.71 4.20 6.63
CA LYS B 122 -7.88 5.57 7.16
C LYS B 122 -6.64 6.46 7.01
N GLY B 123 -5.86 6.23 5.95
CA GLY B 123 -4.64 6.98 5.72
C GLY B 123 -3.55 6.66 6.73
N PHE B 124 -3.60 5.43 7.26
CA PHE B 124 -2.69 4.94 8.30
C PHE B 124 -2.81 5.70 9.62
N LYS B 125 -4.01 6.21 9.90
CA LYS B 125 -4.30 6.87 11.17
C LYS B 125 -5.21 5.96 11.99
N GLU B 126 -5.59 6.41 13.19
CA GLU B 126 -6.48 5.66 14.06
C GLU B 126 -7.87 5.49 13.44
N GLY B 127 -8.62 4.49 13.91
CA GLY B 127 -9.96 4.20 13.43
C GLY B 127 -10.09 2.79 12.88
N LYS B 128 -11.32 2.30 12.78
CA LYS B 128 -11.56 0.96 12.27
C LYS B 128 -11.46 0.92 10.76
N GLY B 129 -10.40 0.28 10.25
CA GLY B 129 -10.19 0.16 8.82
C GLY B 129 -10.90 -1.05 8.23
N ARG B 130 -10.71 -1.25 6.93
CA ARG B 130 -11.23 -2.44 6.26
C ARG B 130 -10.15 -3.16 5.48
N GLU B 131 -10.41 -4.42 5.14
CA GLU B 131 -9.48 -5.21 4.36
C GLU B 131 -9.94 -5.33 2.91
N LEU B 132 -8.98 -5.36 1.98
CA LEU B 132 -9.28 -5.52 0.56
C LEU B 132 -9.69 -6.95 0.22
N LYS B 133 -9.11 -7.92 0.92
CA LYS B 133 -9.43 -9.33 0.72
C LYS B 133 -10.94 -9.60 0.84
N ASP B 134 -11.45 -10.43 -0.07
CA ASP B 134 -12.87 -10.82 -0.12
C ASP B 134 -13.83 -9.69 -0.53
N LYS B 135 -13.27 -8.60 -1.05
CA LYS B 135 -14.08 -7.50 -1.57
C LYS B 135 -14.07 -7.53 -3.10
N THR B 136 -15.00 -6.81 -3.71
CA THR B 136 -15.07 -6.74 -5.17
C THR B 136 -14.40 -5.47 -5.69
N LEU B 137 -13.46 -5.65 -6.61
CA LEU B 137 -12.79 -4.55 -7.30
C LEU B 137 -13.31 -4.40 -8.73
N GLY B 138 -13.66 -3.18 -9.10
CA GLY B 138 -14.06 -2.86 -10.47
C GLY B 138 -12.96 -2.11 -11.19
N ILE B 139 -12.49 -2.70 -12.29
CA ILE B 139 -11.47 -2.05 -13.13
C ILE B 139 -12.15 -1.29 -14.26
N CYS B 140 -12.02 0.03 -14.21
CA CYS B 140 -12.62 0.92 -15.20
C CYS B 140 -11.59 1.18 -16.31
N GLY B 141 -11.72 0.44 -17.42
CA GLY B 141 -10.73 0.45 -18.48
C GLY B 141 -9.60 -0.51 -18.16
N CYS B 142 -9.48 -1.58 -18.93
CA CYS B 142 -8.47 -2.61 -18.65
C CYS B 142 -7.42 -2.75 -19.75
N GLY B 143 -6.38 -1.92 -19.68
CA GLY B 143 -5.22 -2.03 -20.56
C GLY B 143 -4.03 -2.59 -19.79
N TYR B 144 -2.86 -1.98 -19.98
CA TYR B 144 -1.63 -2.45 -19.33
C TYR B 144 -1.60 -2.29 -17.81
N VAL B 145 -2.02 -1.12 -17.32
CA VAL B 145 -2.05 -0.86 -15.88
C VAL B 145 -3.18 -1.63 -15.20
N GLY B 146 -4.39 -1.52 -15.74
CA GLY B 146 -5.56 -2.22 -15.21
C GLY B 146 -5.34 -3.71 -15.07
N LYS B 147 -4.61 -4.27 -16.02
CA LYS B 147 -4.24 -5.69 -16.03
C LYS B 147 -3.33 -6.05 -14.85
N ARG B 148 -2.32 -5.23 -14.59
CA ARG B 148 -1.41 -5.45 -13.46
C ARG B 148 -2.06 -5.25 -12.10
N VAL B 149 -2.86 -4.19 -11.97
CA VAL B 149 -3.63 -3.92 -10.76
C VAL B 149 -4.48 -5.15 -10.40
N LYS B 150 -5.13 -5.72 -11.42
CA LYS B 150 -5.91 -6.95 -11.30
C LYS B 150 -5.09 -8.11 -10.73
N GLU B 151 -3.89 -8.31 -11.29
CA GLU B 151 -3.00 -9.40 -10.88
C GLU B 151 -2.63 -9.32 -9.41
N ILE B 152 -2.27 -8.12 -8.95
CA ILE B 152 -1.93 -7.89 -7.55
C ILE B 152 -3.16 -8.06 -6.67
N ALA B 153 -4.30 -7.55 -7.15
CA ALA B 153 -5.57 -7.62 -6.41
C ALA B 153 -6.08 -9.05 -6.21
N GLU B 154 -5.81 -9.92 -7.17
CA GLU B 154 -6.16 -11.35 -7.07
C GLU B 154 -5.28 -12.06 -6.05
N GLY B 155 -4.00 -11.70 -6.01
CA GLY B 155 -3.09 -12.20 -4.98
C GLY B 155 -3.53 -11.82 -3.58
N ILE B 156 -4.12 -10.63 -3.46
CA ILE B 156 -4.71 -10.16 -2.20
C ILE B 156 -6.02 -10.89 -1.91
N GLY B 157 -6.72 -11.29 -2.96
CA GLY B 157 -7.96 -12.05 -2.82
C GLY B 157 -9.21 -11.25 -3.07
N MET B 158 -9.14 -10.32 -4.02
CA MET B 158 -10.29 -9.53 -4.41
C MET B 158 -11.01 -10.17 -5.59
N LYS B 159 -12.33 -10.00 -5.63
CA LYS B 159 -13.14 -10.43 -6.77
C LYS B 159 -13.07 -9.35 -7.84
N ILE B 160 -12.87 -9.77 -9.09
CA ILE B 160 -12.61 -8.83 -10.18
C ILE B 160 -13.79 -8.73 -11.15
N LYS B 161 -14.16 -7.48 -11.44
CA LYS B 161 -15.11 -7.15 -12.51
C LYS B 161 -14.50 -6.06 -13.38
N VAL B 162 -14.70 -6.16 -14.70
CA VAL B 162 -14.06 -5.27 -15.66
C VAL B 162 -15.06 -4.56 -16.56
N TYR B 163 -14.87 -3.27 -16.74
CA TYR B 163 -15.60 -2.51 -17.75
C TYR B 163 -14.62 -1.89 -18.76
N ASP B 164 -14.83 -2.21 -20.04
CA ASP B 164 -14.03 -1.68 -21.14
C ASP B 164 -14.79 -1.92 -22.44
N PRO B 165 -15.33 -0.84 -23.03
CA PRO B 165 -16.19 -0.95 -24.22
C PRO B 165 -15.46 -1.35 -25.52
N PHE B 166 -14.13 -1.52 -25.44
CA PHE B 166 -13.33 -1.80 -26.62
C PHE B 166 -12.71 -3.22 -26.65
N ILE B 167 -12.71 -3.91 -25.51
CA ILE B 167 -12.14 -5.26 -25.44
C ILE B 167 -13.15 -6.33 -24.99
N THR B 168 -12.78 -7.60 -25.17
CA THR B 168 -13.57 -8.73 -24.67
C THR B 168 -12.72 -9.54 -23.69
N THR B 169 -13.21 -9.67 -22.46
CA THR B 169 -12.47 -10.34 -21.38
C THR B 169 -13.39 -10.99 -20.35
N GLU B 170 -12.81 -11.73 -19.40
CA GLU B 170 -13.56 -12.39 -18.33
C GLU B 170 -14.18 -11.40 -17.34
N ASN B 171 -15.26 -11.83 -16.70
CA ASN B 171 -15.98 -11.04 -15.68
C ASN B 171 -16.31 -9.61 -16.14
N GLN B 172 -16.77 -9.49 -17.38
CA GLN B 172 -17.02 -8.20 -17.99
C GLN B 172 -18.50 -7.83 -18.00
N VAL B 173 -18.81 -6.69 -17.40
CA VAL B 173 -20.15 -6.09 -17.50
C VAL B 173 -20.20 -5.15 -18.69
N LYS B 174 -21.39 -4.94 -19.24
CA LYS B 174 -21.55 -4.06 -20.42
C LYS B 174 -21.90 -2.62 -20.04
N LYS B 175 -22.57 -2.44 -18.91
CA LYS B 175 -22.94 -1.13 -18.41
C LYS B 175 -22.01 -0.66 -17.30
N ILE B 176 -21.48 0.56 -17.45
CA ILE B 176 -20.63 1.20 -16.44
C ILE B 176 -21.40 1.43 -15.13
N GLU B 177 -22.72 1.53 -15.23
CA GLU B 177 -23.60 1.68 -14.08
C GLU B 177 -23.53 0.46 -13.16
N GLU B 178 -23.51 -0.73 -13.78
CA GLU B 178 -23.46 -2.01 -13.06
C GLU B 178 -22.17 -2.17 -12.25
N LEU B 179 -21.06 -1.71 -12.82
CA LEU B 179 -19.76 -1.78 -12.16
C LEU B 179 -19.76 -1.05 -10.82
N PHE B 180 -20.32 0.16 -10.81
CA PHE B 180 -20.39 0.98 -9.60
C PHE B 180 -21.36 0.43 -8.57
N GLU B 181 -22.37 -0.29 -9.04
CA GLU B 181 -23.34 -0.96 -8.16
C GLU B 181 -22.74 -2.18 -7.46
N GLU B 182 -21.99 -2.98 -8.23
CA GLU B 182 -21.51 -4.27 -7.77
C GLU B 182 -20.18 -4.22 -7.01
N CYS B 183 -19.40 -3.17 -7.22
CA CYS B 183 -18.02 -3.12 -6.73
C CYS B 183 -17.79 -2.20 -5.55
N GLN B 184 -17.17 -2.75 -4.52
CA GLN B 184 -16.85 -2.00 -3.30
C GLN B 184 -15.65 -1.07 -3.50
N VAL B 185 -14.78 -1.40 -4.46
CA VAL B 185 -13.66 -0.53 -4.84
C VAL B 185 -13.62 -0.34 -6.36
N ILE B 186 -13.48 0.91 -6.80
CA ILE B 186 -13.32 1.21 -8.22
C ILE B 186 -11.92 1.76 -8.49
N SER B 187 -11.24 1.18 -9.47
CA SER B 187 -9.97 1.72 -9.95
C SER B 187 -10.11 2.20 -11.39
N LEU B 188 -9.82 3.48 -11.61
CA LEU B 188 -9.96 4.10 -12.93
C LEU B 188 -8.65 4.04 -13.72
N HIS B 189 -8.75 3.59 -14.97
CA HIS B 189 -7.59 3.48 -15.84
C HIS B 189 -7.93 3.94 -17.26
N LEU B 190 -8.96 4.77 -17.37
CA LEU B 190 -9.41 5.29 -18.65
C LEU B 190 -8.51 6.41 -19.15
N PRO B 191 -8.12 6.35 -20.45
CA PRO B 191 -7.44 7.48 -21.07
C PRO B 191 -8.40 8.67 -21.20
N LEU B 192 -7.85 9.88 -21.32
CA LEU B 192 -8.68 11.07 -21.48
C LEU B 192 -9.01 11.34 -22.95
N THR B 193 -10.28 11.15 -23.29
CA THR B 193 -10.80 11.46 -24.61
C THR B 193 -11.96 12.43 -24.45
N LYS B 194 -12.56 12.83 -25.59
CA LYS B 194 -13.76 13.66 -25.58
C LYS B 194 -14.94 12.93 -24.93
N GLU B 195 -14.90 11.60 -24.97
CA GLU B 195 -15.97 10.76 -24.45
C GLU B 195 -15.86 10.51 -22.94
N THR B 196 -14.64 10.29 -22.45
CA THR B 196 -14.40 9.96 -21.05
C THR B 196 -14.26 11.19 -20.15
N LYS B 197 -14.17 12.36 -20.76
CA LYS B 197 -14.04 13.62 -20.03
C LYS B 197 -15.29 13.91 -19.20
N GLY B 198 -15.10 14.03 -17.89
CA GLY B 198 -16.20 14.28 -16.95
C GLY B 198 -17.24 13.17 -16.87
N LYS B 199 -16.84 11.96 -17.27
CA LYS B 199 -17.75 10.81 -17.35
C LYS B 199 -18.12 10.26 -15.96
N ILE B 200 -17.13 10.19 -15.07
CA ILE B 200 -17.37 9.68 -13.73
C ILE B 200 -17.86 10.82 -12.84
N GLY B 201 -19.18 10.85 -12.64
CA GLY B 201 -19.83 11.92 -11.88
C GLY B 201 -20.83 11.42 -10.85
N TYR B 202 -21.68 12.33 -10.37
CA TYR B 202 -22.63 12.05 -9.29
C TYR B 202 -23.47 10.78 -9.49
N GLU B 203 -24.03 10.62 -10.69
CA GLU B 203 -24.96 9.50 -10.97
C GLU B 203 -24.31 8.12 -10.92
N LEU B 204 -23.02 8.07 -11.22
CA LEU B 204 -22.25 6.83 -11.15
C LEU B 204 -21.73 6.56 -9.74
N ILE B 205 -21.09 7.56 -9.14
CA ILE B 205 -20.45 7.42 -7.83
C ILE B 205 -21.46 7.09 -6.73
N LYS B 206 -22.68 7.63 -6.85
CA LYS B 206 -23.72 7.43 -5.84
C LYS B 206 -24.10 5.97 -5.63
N LYS B 207 -23.94 5.15 -6.67
CA LYS B 207 -24.39 3.75 -6.64
C LYS B 207 -23.48 2.80 -5.86
N LEU B 208 -22.34 3.32 -5.40
CA LEU B 208 -21.36 2.52 -4.65
C LEU B 208 -21.95 1.94 -3.36
N PRO B 209 -21.53 0.71 -2.99
CA PRO B 209 -21.95 0.09 -1.72
C PRO B 209 -21.36 0.84 -0.52
N TYR B 210 -21.66 0.39 0.69
CA TYR B 210 -21.15 1.05 1.89
C TYR B 210 -19.62 1.11 1.90
N GLY B 211 -19.09 2.29 2.22
CA GLY B 211 -17.65 2.52 2.28
C GLY B 211 -16.96 2.39 0.93
N GLY B 212 -17.70 2.70 -0.13
CA GLY B 212 -17.17 2.66 -1.49
C GLY B 212 -15.97 3.55 -1.68
N MET B 213 -14.96 3.04 -2.37
CA MET B 213 -13.72 3.76 -2.59
C MET B 213 -13.37 3.84 -4.07
N ILE B 214 -13.07 5.05 -4.53
CA ILE B 214 -12.57 5.24 -5.88
C ILE B 214 -11.09 5.60 -5.83
N CYS B 215 -10.29 4.83 -6.54
CA CYS B 215 -8.88 5.10 -6.71
C CYS B 215 -8.62 5.58 -8.13
N ASN B 216 -8.12 6.81 -8.23
CA ASN B 216 -7.85 7.40 -9.53
C ASN B 216 -6.36 7.65 -9.76
N THR B 217 -5.75 6.78 -10.58
CA THR B 217 -4.36 6.96 -11.01
C THR B 217 -4.29 7.32 -12.49
N ALA B 218 -5.44 7.59 -13.10
CA ALA B 218 -5.52 7.84 -14.54
C ALA B 218 -5.41 9.33 -14.89
N ARG B 219 -6.55 10.02 -14.92
CA ARG B 219 -6.60 11.46 -15.21
C ARG B 219 -7.63 12.14 -14.32
N LYS B 220 -7.36 13.37 -13.92
CA LYS B 220 -8.28 14.11 -13.05
C LYS B 220 -9.56 14.50 -13.77
N GLU B 221 -9.45 14.86 -15.05
CA GLU B 221 -10.58 15.40 -15.81
C GLU B 221 -11.53 14.33 -16.40
N ILE B 222 -11.35 13.07 -16.02
CA ILE B 222 -12.37 12.05 -16.30
C ILE B 222 -13.41 12.04 -15.16
N ILE B 223 -13.06 12.69 -14.06
CA ILE B 223 -13.97 12.92 -12.94
C ILE B 223 -14.73 14.22 -13.17
N ASP B 224 -16.03 14.22 -12.86
CA ASP B 224 -16.79 15.44 -12.73
C ASP B 224 -16.67 15.90 -11.27
N GLU B 225 -15.79 16.87 -11.02
CA GLU B 225 -15.47 17.31 -9.66
C GLU B 225 -16.69 17.80 -8.87
N GLU B 226 -17.56 18.54 -9.55
CA GLU B 226 -18.81 19.03 -8.96
C GLU B 226 -19.68 17.88 -8.44
N GLY B 227 -19.83 16.83 -9.25
CA GLY B 227 -20.60 15.66 -8.88
C GLY B 227 -19.98 14.88 -7.73
N LEU B 228 -18.66 14.76 -7.72
CA LEU B 228 -17.94 14.06 -6.66
C LEU B 228 -18.08 14.79 -5.33
N ILE B 229 -17.87 16.11 -5.33
CA ILE B 229 -18.09 16.93 -4.14
C ILE B 229 -19.52 16.73 -3.61
N ARG B 230 -20.49 16.74 -4.52
CA ARG B 230 -21.90 16.62 -4.17
C ARG B 230 -22.23 15.29 -3.46
N ILE B 231 -21.79 14.17 -4.03
CA ILE B 231 -22.06 12.86 -3.46
C ILE B 231 -21.26 12.58 -2.18
N MET B 232 -20.03 13.09 -2.12
CA MET B 232 -19.20 12.93 -0.91
C MET B 232 -19.73 13.74 0.27
N ARG B 233 -20.41 14.84 -0.02
CA ARG B 233 -21.10 15.61 1.02
C ARG B 233 -22.36 14.89 1.49
N GLU B 234 -23.03 14.20 0.57
CA GLU B 234 -24.26 13.46 0.85
C GLU B 234 -23.96 12.14 1.57
N ARG B 235 -22.90 11.45 1.11
CA ARG B 235 -22.51 10.16 1.66
C ARG B 235 -21.12 10.24 2.29
N GLU B 236 -21.08 10.32 3.62
CA GLU B 236 -19.83 10.48 4.35
C GLU B 236 -19.02 9.19 4.49
N ASP B 237 -19.52 8.09 3.90
CA ASP B 237 -18.83 6.81 3.95
C ASP B 237 -17.90 6.61 2.74
N LEU B 238 -18.07 7.45 1.72
CA LEU B 238 -17.33 7.30 0.47
C LEU B 238 -15.89 7.82 0.57
N ILE B 239 -14.98 7.08 -0.06
CA ILE B 239 -13.55 7.41 -0.04
C ILE B 239 -13.07 7.65 -1.47
N TYR B 240 -12.32 8.75 -1.65
CA TYR B 240 -11.67 9.04 -2.92
C TYR B 240 -10.17 9.25 -2.72
N ILE B 241 -9.38 8.46 -3.43
CA ILE B 241 -7.93 8.58 -3.38
C ILE B 241 -7.40 8.69 -4.80
N THR B 242 -6.43 9.58 -5.01
CA THR B 242 -5.99 9.89 -6.37
C THR B 242 -4.51 10.29 -6.50
N ASP B 243 -3.90 9.87 -7.61
CA ASP B 243 -2.57 10.34 -7.99
C ASP B 243 -2.66 11.59 -8.86
N VAL B 244 -3.88 11.95 -9.26
CA VAL B 244 -4.14 13.13 -10.08
C VAL B 244 -5.05 14.10 -9.34
N ALA B 245 -4.44 14.91 -8.48
CA ALA B 245 -5.14 15.81 -7.57
C ALA B 245 -6.22 16.65 -8.25
N PRO B 246 -7.38 16.80 -7.60
CA PRO B 246 -8.44 17.66 -8.14
C PRO B 246 -8.09 19.14 -8.01
N THR B 247 -8.72 19.98 -8.84
CA THR B 247 -8.48 21.42 -8.80
C THR B 247 -9.12 22.09 -7.59
N SER B 248 -10.35 21.68 -7.26
CA SER B 248 -11.12 22.28 -6.17
C SER B 248 -10.46 22.15 -4.79
N LYS B 249 -10.55 23.22 -4.01
CA LYS B 249 -10.00 23.25 -2.65
C LYS B 249 -10.89 22.52 -1.64
N VAL B 250 -12.13 22.23 -2.06
CA VAL B 250 -13.14 21.60 -1.20
C VAL B 250 -12.67 20.27 -0.60
N PHE B 251 -12.07 19.43 -1.44
CA PHE B 251 -11.68 18.07 -1.08
C PHE B 251 -10.77 18.00 0.15
N ASN B 252 -9.78 18.87 0.20
CA ASN B 252 -8.84 18.92 1.33
C ASN B 252 -9.50 19.47 2.60
N ASN B 253 -10.34 20.49 2.44
CA ASN B 253 -10.98 21.15 3.58
C ASN B 253 -12.13 20.37 4.22
N GLU B 254 -12.89 19.64 3.41
CA GLU B 254 -14.13 19.01 3.88
C GLU B 254 -14.04 17.51 4.15
N PHE B 255 -13.24 16.80 3.37
CA PHE B 255 -13.29 15.33 3.38
C PHE B 255 -12.08 14.66 4.03
N LYS B 256 -11.55 15.28 5.09
CA LYS B 256 -10.41 14.72 5.81
C LYS B 256 -10.76 13.37 6.46
N GLY B 257 -9.90 12.39 6.25
CA GLY B 257 -10.12 11.04 6.77
C GLY B 257 -10.67 10.08 5.71
N ARG B 258 -11.05 10.64 4.56
CA ARG B 258 -11.57 9.85 3.44
C ARG B 258 -11.21 10.44 2.08
N PHE B 259 -10.28 11.39 2.08
CA PHE B 259 -9.72 11.92 0.84
C PHE B 259 -8.21 12.06 0.93
N PHE B 260 -7.51 11.57 -0.10
CA PHE B 260 -6.08 11.80 -0.23
C PHE B 260 -5.70 11.99 -1.69
N ALA B 261 -4.84 12.97 -1.93
CA ALA B 261 -4.23 13.18 -3.23
C ALA B 261 -2.75 13.42 -3.04
N THR B 262 -1.95 12.88 -3.96
CA THR B 262 -0.52 13.17 -4.02
C THR B 262 -0.34 14.62 -4.47
N PRO B 263 0.69 15.32 -3.96
CA PRO B 263 0.93 16.71 -4.34
C PRO B 263 1.21 16.86 -5.85
N ILE B 264 1.74 15.81 -6.45
CA ILE B 264 1.99 15.75 -7.89
C ILE B 264 1.82 14.29 -8.33
N LYS B 265 1.58 14.08 -9.62
CA LYS B 265 1.41 12.73 -10.15
C LYS B 265 2.71 11.92 -10.04
N ILE B 266 2.70 10.90 -9.17
CA ILE B 266 3.91 10.11 -8.89
C ILE B 266 3.84 8.65 -9.37
N GLY B 267 2.80 8.32 -10.12
CA GLY B 267 2.60 6.96 -10.63
C GLY B 267 3.77 6.42 -11.42
N ALA B 268 4.34 7.27 -12.27
CA ALA B 268 5.49 6.89 -13.10
C ALA B 268 6.81 7.44 -12.56
N GLU B 269 6.74 8.07 -11.38
CA GLU B 269 7.93 8.67 -10.77
C GLU B 269 8.73 7.66 -9.94
N THR B 270 9.20 6.62 -10.62
CA THR B 270 10.08 5.63 -10.01
C THR B 270 11.33 5.46 -10.86
N GLU B 271 12.41 4.99 -10.24
CA GLU B 271 13.66 4.71 -10.96
C GLU B 271 13.43 3.77 -12.13
N GLU B 272 12.70 2.68 -11.88
CA GLU B 272 12.48 1.63 -12.87
C GLU B 272 11.59 2.06 -14.04
N SER B 273 10.49 2.76 -13.73
CA SER B 273 9.55 3.21 -14.77
C SER B 273 10.15 4.27 -15.69
N ASN B 274 10.93 5.19 -15.13
CA ASN B 274 11.66 6.18 -15.91
C ASN B 274 12.60 5.51 -16.92
N ILE B 275 13.33 4.48 -16.47
CA ILE B 275 14.25 3.74 -17.33
C ILE B 275 13.48 3.05 -18.48
N ASN B 276 12.42 2.32 -18.12
CA ASN B 276 11.58 1.65 -19.12
C ASN B 276 11.06 2.60 -20.18
N ALA B 277 10.35 3.64 -19.74
CA ALA B 277 9.71 4.60 -20.64
C ALA B 277 10.72 5.46 -21.39
N GLY B 278 11.77 5.90 -20.69
CA GLY B 278 12.83 6.70 -21.28
C GLY B 278 13.62 5.99 -22.36
N MET B 279 14.00 4.75 -22.09
CA MET B 279 14.79 3.96 -23.05
C MET B 279 13.96 3.40 -24.20
N ALA B 280 12.70 3.09 -23.93
CA ALA B 280 11.78 2.67 -25.00
C ALA B 280 11.54 3.80 -25.99
N ALA B 281 11.47 5.03 -25.46
CA ALA B 281 11.27 6.22 -26.28
C ALA B 281 12.48 6.49 -27.18
N ALA B 282 13.68 6.34 -26.62
CA ALA B 282 14.93 6.51 -27.35
C ALA B 282 15.11 5.45 -28.44
N SER B 283 14.75 4.20 -28.14
CA SER B 283 14.85 3.09 -29.10
C SER B 283 13.91 3.27 -30.29
N GLN B 284 12.70 3.74 -30.01
CA GLN B 284 11.72 3.99 -31.07
C GLN B 284 12.11 5.17 -31.96
N ILE B 285 12.73 6.18 -31.35
CA ILE B 285 13.35 7.29 -32.10
C ILE B 285 14.42 6.72 -33.03
N CYS B 286 15.29 5.88 -32.47
CA CYS B 286 16.38 5.24 -33.20
C CYS B 286 15.84 4.43 -34.39
N ASP B 287 14.88 3.55 -34.12
CA ASP B 287 14.25 2.72 -35.15
C ASP B 287 13.62 3.54 -36.29
N PHE B 288 12.94 4.63 -35.93
CA PHE B 288 12.26 5.48 -36.92
C PHE B 288 13.22 6.11 -37.92
N PHE B 289 14.35 6.63 -37.42
CA PHE B 289 15.34 7.26 -38.29
C PHE B 289 16.18 6.25 -39.07
N THR B 290 16.39 5.08 -38.47
CA THR B 290 17.14 4.01 -39.10
C THR B 290 16.33 3.32 -40.21
N ASN B 291 15.13 2.86 -39.85
CA ASN B 291 14.36 1.96 -40.71
C ASN B 291 12.99 2.49 -41.14
N GLY B 292 12.64 3.70 -40.71
CA GLY B 292 11.33 4.27 -40.98
C GLY B 292 10.23 3.57 -40.21
N THR B 293 10.61 2.89 -39.12
CA THR B 293 9.70 2.14 -38.28
C THR B 293 8.69 3.07 -37.61
N VAL B 294 7.42 2.78 -37.81
CA VAL B 294 6.33 3.59 -37.24
C VAL B 294 5.39 2.78 -36.35
N LYS B 295 5.94 1.74 -35.71
CA LYS B 295 5.19 0.94 -34.73
C LYS B 295 4.86 1.80 -33.51
N PHE B 296 3.71 1.55 -32.91
CA PHE B 296 3.21 2.30 -31.75
C PHE B 296 2.75 3.72 -32.08
N GLN B 297 2.70 4.05 -33.37
CA GLN B 297 2.19 5.34 -33.82
C GLN B 297 0.70 5.47 -33.46
N VAL B 298 0.29 6.68 -33.09
CA VAL B 298 -1.10 6.91 -32.67
C VAL B 298 -1.89 7.79 -33.64
N ASN B 299 -1.19 8.47 -34.54
CA ASN B 299 -1.83 9.37 -35.52
C ASN B 299 -1.70 8.91 -36.97
N LYS B 300 -2.41 9.58 -37.88
CA LYS B 300 -2.37 9.30 -39.31
C LYS B 300 -2.41 10.59 -40.14
N PHE B 301 -1.50 10.70 -41.10
CA PHE B 301 -1.40 11.89 -41.94
C PHE B 301 -0.90 11.57 -43.36
N LEU B 302 -1.19 12.49 -44.29
CA LEU B 302 -0.76 12.40 -45.69
C LEU B 302 -1.08 11.06 -46.35
PA NAD C . 3.04 -16.57 14.57
O1A NAD C . 3.40 -17.24 15.87
O2A NAD C . 2.02 -17.20 13.64
O5B NAD C . 4.38 -16.30 13.72
C5B NAD C . 5.56 -15.82 14.36
C4B NAD C . 6.74 -16.54 13.72
O4B NAD C . 7.97 -16.05 14.22
C3B NAD C . 6.69 -18.03 14.00
O3B NAD C . 6.54 -18.75 12.78
C2B NAD C . 8.02 -18.35 14.63
O2B NAD C . 8.59 -19.54 14.07
C1B NAD C . 8.87 -17.15 14.30
N9A NAD C . 9.86 -16.95 15.38
C8A NAD C . 9.64 -17.20 16.68
N7A NAD C . 10.75 -16.92 17.42
C5A NAD C . 11.71 -16.51 16.56
C6A NAD C . 13.12 -16.07 16.66
N6A NAD C . 13.74 -16.02 17.87
N1A NAD C . 13.76 -15.72 15.52
C2A NAD C . 13.14 -15.77 14.31
N3A NAD C . 11.87 -16.16 14.14
C4A NAD C . 11.11 -16.53 15.21
O3 NAD C . 2.56 -15.08 14.90
PN NAD C . 1.91 -14.15 13.76
O1N NAD C . 0.41 -14.32 13.84
O2N NAD C . 2.62 -14.38 12.44
O5D NAD C . 2.30 -12.69 14.31
C5D NAD C . 3.66 -12.30 14.29
C4D NAD C . 3.98 -11.29 15.39
O4D NAD C . 3.61 -9.98 14.97
C3D NAD C . 3.23 -11.56 16.67
O3D NAD C . 4.05 -12.35 17.54
C2D NAD C . 2.95 -10.19 17.25
O2D NAD C . 4.00 -9.82 18.15
C1D NAD C . 3.00 -9.26 16.05
N1N NAD C . 1.65 -8.88 15.67
C2N NAD C . 1.37 -7.58 15.50
C3N NAD C . 0.08 -7.17 15.13
C7N NAD C . -0.24 -5.72 14.93
O7N NAD C . -1.39 -5.33 15.07
N7N NAD C . 0.74 -4.88 14.58
C4N NAD C . -0.90 -8.15 14.92
C5N NAD C . -0.58 -9.49 15.10
C6N NAD C . 0.72 -9.83 15.47
C FMT D . -1.63 -8.88 17.85
O1 FMT D . -1.03 -9.81 18.35
O2 FMT D . -1.06 -7.67 17.79
C FMT E . 1.01 7.93 -19.34
O1 FMT E . 1.87 7.27 -18.79
O2 FMT E . 0.22 8.72 -18.62
C TRS F . -3.61 1.66 -19.80
C1 TRS F . -2.15 2.00 -19.83
C2 TRS F . -3.81 0.67 -18.67
C3 TRS F . -4.06 1.10 -21.15
N TRS F . -4.38 2.90 -19.49
O1 TRS F . -1.89 2.78 -18.66
O2 TRS F . -5.17 0.56 -18.26
O3 TRS F . -5.43 1.45 -21.41
C1 GOL G . 3.47 9.88 -16.25
O1 GOL G . 2.45 9.18 -16.95
C2 GOL G . 4.16 10.90 -17.15
O2 GOL G . 5.42 10.39 -17.57
C3 GOL G . 4.44 12.10 -16.29
O3 GOL G . 5.16 11.56 -15.19
#